data_6SC6
#
_entry.id   6SC6
#
_cell.length_a   65.948
_cell.length_b   87.490
_cell.length_c   241.927
_cell.angle_alpha   90.000
_cell.angle_beta   90.000
_cell.angle_gamma   90.000
#
_symmetry.space_group_name_H-M   'I 2 2 2'
#
loop_
_entity.id
_entity.type
_entity.pdbx_description
1 polymer 'E3 ubiquitin-protein ligase RNF31'
2 polymer 'Single domain antibody'
3 non-polymer 'ZINC ION'
4 non-polymer 'SULFATE ION'
5 non-polymer 'CHLORIDE ION'
6 water water
#
loop_
_entity_poly.entity_id
_entity_poly.type
_entity_poly.pdbx_seq_one_letter_code
_entity_poly.pdbx_strand_id
1 'polypeptide(L)'
;QECAVCGWALPHNRMQALTSCECTICPDCFRQHFTIALKEKHITDMVCPACGRPDLTDDTQLLSYFSTLDIQLRESLEPD
AYALFHKKLTEGVLMRDPKFLWCAQCSFGFIYEREQLEATCPQCHQTFCVRCKRQWEEQHRGRSCEDFQNWKRMNDPEYQ
AQGLAMYLQENGIDCPKCKFSYALARGGCMHFHCTQCRHQFCSGCYNAFYAKNKCPEPNCRVKKSLHGHHPRDCLFYLRD
WTALRLQKLLQDNNVMFNTEPPAGARAVPGGGCRVIEQKEVPNGLRDEACGKETPAGYAGLCQAHYKEYLVSLINAHSLD
PATLYEVEELETATERYLHVRPQPLAGEDPPAYQARLLQKLTEEVPLGQSIPRRRK
;
A
2 'polypeptide(L)'
;EVQLLESGGGLVQPGGSLRLSCAASGFTFRGYSMAWVRQAPGKGLEWVSTISPIGTYTYYADSVKGRFTISRDNSKNTLY
LQMNSLRAEDTAVYYCAKGSYSRGTPFDYWGQGTLVTVSS
;
B,C
#
loop_
_chem_comp.id
_chem_comp.type
_chem_comp.name
_chem_comp.formula
CL non-polymer 'CHLORIDE ION' 'Cl -1'
SO4 non-polymer 'SULFATE ION' 'O4 S -2'
ZN non-polymer 'ZINC ION' 'Zn 2'
#
# COMPACT_ATOMS: atom_id res chain seq x y z
N GLN A 1 46.87 -5.87 1.49
CA GLN A 1 48.21 -5.56 1.98
C GLN A 1 48.44 -6.25 3.33
N GLU A 2 47.93 -5.61 4.38
CA GLU A 2 48.13 -6.00 5.76
C GLU A 2 47.22 -5.13 6.62
N CYS A 3 46.87 -5.62 7.80
CA CYS A 3 46.07 -4.80 8.70
C CYS A 3 46.92 -3.68 9.29
N ALA A 4 46.32 -2.50 9.47
CA ALA A 4 47.07 -1.35 9.94
C ALA A 4 47.32 -1.36 11.45
N VAL A 5 46.54 -2.13 12.20
CA VAL A 5 46.69 -2.17 13.65
C VAL A 5 47.71 -3.22 14.09
N CYS A 6 47.53 -4.47 13.65
CA CYS A 6 48.37 -5.57 14.10
C CYS A 6 49.38 -6.03 13.05
N GLY A 7 49.30 -5.52 11.83
CA GLY A 7 50.24 -5.90 10.80
C GLY A 7 50.01 -7.24 10.15
N TRP A 8 48.91 -7.91 10.49
CA TRP A 8 48.63 -9.24 9.95
C TRP A 8 48.37 -9.15 8.44
N ALA A 9 49.18 -9.86 7.67
CA ALA A 9 49.07 -9.83 6.21
C ALA A 9 47.77 -10.49 5.77
N LEU A 10 46.93 -9.74 5.07
CA LEU A 10 45.65 -10.22 4.57
C LEU A 10 45.40 -9.62 3.19
N PRO A 11 44.59 -10.28 2.38
CA PRO A 11 44.09 -9.63 1.17
C PRO A 11 43.16 -8.48 1.52
N HIS A 12 43.04 -7.53 0.57
CA HIS A 12 42.23 -6.34 0.83
C HIS A 12 40.77 -6.71 1.06
N ASN A 13 40.27 -7.71 0.35
CA ASN A 13 38.86 -8.10 0.44
C ASN A 13 38.52 -8.86 1.71
N ARG A 14 39.51 -9.20 2.54
CA ARG A 14 39.27 -9.89 3.80
C ARG A 14 39.43 -8.99 5.01
N MET A 15 39.52 -7.68 4.79
CA MET A 15 39.62 -6.68 5.85
C MET A 15 38.50 -5.65 5.67
N GLN A 16 38.51 -4.64 6.54
CA GLN A 16 37.55 -3.56 6.49
C GLN A 16 38.26 -2.29 6.08
N ALA A 17 37.83 -1.71 4.96
CA ALA A 17 38.37 -0.43 4.49
C ALA A 17 37.59 0.69 5.16
N LEU A 18 38.21 1.33 6.13
CA LEU A 18 37.57 2.42 6.85
C LEU A 18 37.25 3.56 5.89
N THR A 19 35.98 3.93 5.78
CA THR A 19 35.59 4.95 4.82
C THR A 19 36.27 6.29 5.11
N SER A 20 36.34 6.67 6.39
CA SER A 20 36.85 7.98 6.75
C SER A 20 38.31 8.15 6.34
N CYS A 21 39.17 7.25 6.80
CA CYS A 21 40.62 7.40 6.62
C CYS A 21 41.23 6.42 5.62
N GLU A 22 40.46 5.42 5.16
CA GLU A 22 40.95 4.39 4.24
C GLU A 22 42.14 3.64 4.81
N CYS A 23 42.00 3.17 6.05
CA CYS A 23 42.94 2.26 6.67
C CYS A 23 42.34 0.86 6.66
N THR A 24 43.19 -0.13 6.35
CA THR A 24 42.74 -1.52 6.28
C THR A 24 42.94 -2.18 7.64
N ILE A 25 41.92 -2.87 8.11
CA ILE A 25 41.93 -3.44 9.47
C ILE A 25 41.21 -4.77 9.45
N CYS A 26 41.83 -5.80 10.05
CA CYS A 26 41.24 -7.13 10.13
C CYS A 26 39.91 -7.08 10.86
N PRO A 27 39.07 -8.11 10.72
CA PRO A 27 37.82 -8.15 11.48
C PRO A 27 38.02 -8.11 13.00
N ASP A 28 39.10 -8.69 13.50
CA ASP A 28 39.25 -8.88 14.95
C ASP A 28 39.65 -7.60 15.66
N CYS A 29 40.61 -6.86 15.09
CA CYS A 29 41.01 -5.55 15.62
C CYS A 29 39.99 -4.46 15.30
N PHE A 30 39.19 -4.63 14.24
CA PHE A 30 38.02 -3.78 14.07
C PHE A 30 37.01 -4.06 15.18
N ARG A 31 36.56 -5.31 15.28
CA ARG A 31 35.52 -5.65 16.24
C ARG A 31 35.98 -5.39 17.67
N GLN A 32 37.23 -5.72 17.98
CA GLN A 32 37.71 -5.56 19.36
C GLN A 32 37.76 -4.09 19.77
N HIS A 33 38.39 -3.25 18.93
CA HIS A 33 38.56 -1.85 19.28
C HIS A 33 37.21 -1.15 19.46
N PHE A 34 36.35 -1.22 18.44
CA PHE A 34 35.10 -0.48 18.49
C PHE A 34 34.15 -1.04 19.54
N THR A 35 34.20 -2.36 19.79
CA THR A 35 33.40 -2.92 20.88
C THR A 35 33.87 -2.40 22.22
N ILE A 36 35.19 -2.21 22.38
CA ILE A 36 35.74 -1.77 23.66
C ILE A 36 35.36 -0.32 23.95
N ALA A 37 35.62 0.57 22.99
CA ALA A 37 35.30 1.98 23.15
C ALA A 37 33.83 2.18 23.47
N LEU A 38 32.97 1.28 23.00
CA LEU A 38 31.56 1.33 23.37
C LEU A 38 31.37 0.94 24.84
N LYS A 39 31.97 -0.16 25.25
CA LYS A 39 31.77 -0.72 26.58
C LYS A 39 32.70 -0.12 27.63
N GLU A 40 33.64 0.74 27.24
CA GLU A 40 34.60 1.28 28.20
C GLU A 40 34.98 2.74 27.97
N LYS A 41 34.65 3.33 26.82
CA LYS A 41 34.98 4.73 26.58
C LYS A 41 33.76 5.48 26.08
N HIS A 42 33.94 6.71 25.61
CA HIS A 42 32.83 7.53 25.16
C HIS A 42 32.83 7.63 23.64
N ILE A 43 31.68 8.01 23.08
CA ILE A 43 31.44 7.85 21.64
C ILE A 43 32.44 8.65 20.81
N THR A 44 32.99 9.73 21.36
CA THR A 44 34.01 10.48 20.64
C THR A 44 35.31 9.70 20.47
N ASP A 45 35.48 8.62 21.22
CA ASP A 45 36.66 7.77 21.12
C ASP A 45 36.55 6.73 20.02
N MET A 46 35.44 6.70 19.29
CA MET A 46 35.22 5.70 18.24
C MET A 46 35.81 6.18 16.91
N VAL A 47 37.12 6.46 16.98
CA VAL A 47 37.88 6.88 15.81
C VAL A 47 38.59 5.65 15.25
N CYS A 48 39.40 5.83 14.21
CA CYS A 48 40.13 4.71 13.65
C CYS A 48 41.25 4.29 14.58
N PRO A 49 41.38 2.99 14.87
CA PRO A 49 42.44 2.55 15.79
C PRO A 49 43.84 2.73 15.25
N ALA A 50 44.02 2.78 13.93
CA ALA A 50 45.35 3.00 13.39
C ALA A 50 45.76 4.46 13.48
N CYS A 51 44.88 5.39 13.09
CA CYS A 51 45.29 6.77 12.98
C CYS A 51 44.51 7.72 13.84
N GLY A 52 43.30 7.36 14.28
CA GLY A 52 42.46 8.33 14.94
C GLY A 52 42.17 9.52 14.06
N ARG A 53 42.22 9.32 12.73
CA ARG A 53 42.11 10.45 11.82
C ARG A 53 40.67 10.83 11.47
N PRO A 54 39.62 10.32 12.15
CA PRO A 54 38.40 11.14 12.24
C PRO A 54 38.51 12.17 13.34
N ASP A 55 38.45 13.46 12.98
CA ASP A 55 38.72 14.54 13.94
C ASP A 55 37.53 14.79 14.85
N LEU A 56 36.94 13.71 15.39
CA LEU A 56 35.65 13.80 16.05
C LEU A 56 35.68 14.61 17.34
N THR A 57 35.94 15.91 17.22
CA THR A 57 35.76 16.84 18.33
C THR A 57 35.04 18.11 17.89
N ASP A 58 34.56 18.16 16.65
CA ASP A 58 33.73 19.25 16.17
C ASP A 58 32.48 18.67 15.52
N ASP A 59 31.34 19.26 15.84
CA ASP A 59 30.05 18.75 15.36
C ASP A 59 29.88 18.87 13.86
N THR A 60 30.91 19.31 13.13
CA THR A 60 30.80 19.46 11.69
C THR A 60 30.78 18.11 10.98
N GLN A 61 31.78 17.28 11.26
CA GLN A 61 31.90 15.96 10.66
C GLN A 61 31.28 14.86 11.52
N LEU A 62 30.72 15.21 12.68
CA LEU A 62 30.33 14.20 13.66
C LEU A 62 29.22 13.30 13.13
N LEU A 63 28.17 13.89 12.56
CA LEU A 63 27.01 13.10 12.16
C LEU A 63 27.27 12.29 10.90
N SER A 64 27.93 12.90 9.92
CA SER A 64 28.25 12.18 8.68
C SER A 64 29.17 11.00 8.96
N TYR A 65 30.11 11.16 9.90
CA TYR A 65 31.02 10.07 10.23
C TYR A 65 30.25 8.87 10.78
N PHE A 66 29.42 9.10 11.80
CA PHE A 66 28.71 7.99 12.43
C PHE A 66 27.68 7.38 11.49
N SER A 67 27.07 8.19 10.63
CA SER A 67 26.11 7.66 9.65
C SER A 67 26.76 6.63 8.75
N THR A 68 28.04 6.84 8.41
CA THR A 68 28.77 5.88 7.58
C THR A 68 29.34 4.74 8.43
N LEU A 69 29.96 5.08 9.56
CA LEU A 69 30.54 4.05 10.41
C LEU A 69 29.50 3.04 10.89
N ASP A 70 28.25 3.49 11.03
CA ASP A 70 27.17 2.59 11.42
C ASP A 70 27.06 1.40 10.48
N ILE A 71 27.38 1.58 9.20
CA ILE A 71 27.30 0.50 8.23
C ILE A 71 28.34 -0.57 8.56
N GLN A 72 29.61 -0.18 8.69
CA GLN A 72 30.66 -1.14 9.00
C GLN A 72 30.49 -1.72 10.40
N LEU A 73 29.98 -0.93 11.34
CA LEU A 73 29.73 -1.45 12.68
C LEU A 73 28.66 -2.54 12.67
N ARG A 74 27.54 -2.28 11.99
CA ARG A 74 26.45 -3.25 11.97
C ARG A 74 26.92 -4.61 11.48
N GLU A 75 27.83 -4.64 10.50
CA GLU A 75 28.20 -5.90 9.88
C GLU A 75 29.19 -6.71 10.71
N SER A 76 30.03 -6.06 11.52
CA SER A 76 31.22 -6.69 12.10
C SER A 76 31.11 -7.03 13.58
N LEU A 77 30.34 -6.28 14.37
CA LEU A 77 30.18 -6.62 15.78
C LEU A 77 28.83 -7.29 16.01
N GLU A 78 28.60 -7.67 17.26
CA GLU A 78 27.50 -8.52 17.72
C GLU A 78 26.36 -7.67 18.28
N PRO A 79 25.13 -8.25 18.36
CA PRO A 79 23.93 -7.43 18.61
C PRO A 79 24.00 -6.45 19.77
N ASP A 80 24.14 -6.94 21.01
CA ASP A 80 24.05 -6.06 22.17
C ASP A 80 25.12 -4.99 22.15
N ALA A 81 26.25 -5.25 21.47
CA ALA A 81 27.26 -4.22 21.31
C ALA A 81 26.84 -3.22 20.24
N TYR A 82 26.23 -3.69 19.15
CA TYR A 82 25.71 -2.77 18.14
C TYR A 82 24.53 -1.97 18.68
N ALA A 83 23.71 -2.57 19.54
CA ALA A 83 22.63 -1.82 20.18
C ALA A 83 23.20 -0.80 21.16
N LEU A 84 24.31 -1.11 21.82
CA LEU A 84 24.97 -0.14 22.67
C LEU A 84 25.45 1.06 21.87
N PHE A 85 25.80 0.86 20.60
CA PHE A 85 26.20 1.98 19.76
C PHE A 85 25.03 2.92 19.51
N HIS A 86 23.82 2.37 19.34
CA HIS A 86 22.66 3.23 19.11
C HIS A 86 22.26 3.97 20.38
N LYS A 87 22.36 3.29 21.54
CA LYS A 87 22.03 3.93 22.81
C LYS A 87 22.92 5.15 23.06
N LYS A 88 24.24 4.95 23.00
CA LYS A 88 25.17 6.05 23.26
C LYS A 88 25.09 7.12 22.18
N LEU A 89 24.74 6.75 20.95
CA LEU A 89 24.51 7.76 19.92
C LEU A 89 23.30 8.62 20.28
N THR A 90 22.23 7.98 20.74
CA THR A 90 21.05 8.71 21.17
C THR A 90 21.35 9.58 22.39
N GLU A 91 21.96 8.99 23.41
CA GLU A 91 22.14 9.69 24.68
C GLU A 91 23.30 10.68 24.66
N GLY A 92 24.22 10.57 23.70
CA GLY A 92 25.41 11.40 23.75
C GLY A 92 25.55 12.38 22.60
N VAL A 93 24.82 12.16 21.50
CA VAL A 93 24.98 12.93 20.29
C VAL A 93 23.66 13.55 19.84
N LEU A 94 22.60 12.75 19.75
CA LEU A 94 21.38 13.17 19.08
C LEU A 94 20.26 13.60 20.02
N MET A 95 20.26 13.10 21.26
CA MET A 95 19.17 13.32 22.22
C MET A 95 17.84 12.75 21.72
N ARG A 96 17.91 11.77 20.82
CA ARG A 96 16.73 11.15 20.22
C ARG A 96 17.21 9.99 19.37
N ASP A 97 16.26 9.17 18.94
CA ASP A 97 16.60 8.07 18.04
C ASP A 97 17.21 8.61 16.75
N PRO A 98 18.20 7.94 16.19
CA PRO A 98 18.71 8.36 14.88
C PRO A 98 17.65 8.15 13.82
N LYS A 99 17.63 9.03 12.83
CA LYS A 99 16.67 8.93 11.74
C LYS A 99 17.15 7.87 10.76
N PHE A 100 16.42 6.75 10.70
CA PHE A 100 16.77 5.61 9.87
C PHE A 100 15.89 5.62 8.63
N LEU A 101 16.53 5.63 7.46
CA LEU A 101 15.82 5.62 6.18
C LEU A 101 15.98 4.27 5.50
N TRP A 102 14.92 3.83 4.83
CA TRP A 102 14.94 2.62 4.02
C TRP A 102 14.91 3.03 2.55
N CYS A 103 15.91 2.59 1.79
CA CYS A 103 15.93 2.88 0.35
C CYS A 103 14.86 2.06 -0.36
N ALA A 104 13.95 2.74 -1.06
CA ALA A 104 12.87 2.05 -1.74
C ALA A 104 13.35 1.27 -2.96
N GLN A 105 14.54 1.59 -3.47
CA GLN A 105 15.04 0.95 -4.68
C GLN A 105 15.80 -0.33 -4.38
N CYS A 106 16.65 -0.34 -3.35
CA CYS A 106 17.49 -1.51 -3.10
C CYS A 106 17.27 -2.13 -1.73
N SER A 107 16.32 -1.62 -0.94
CA SER A 107 15.90 -2.17 0.34
C SER A 107 16.92 -1.97 1.45
N PHE A 108 17.96 -1.17 1.22
CA PHE A 108 18.98 -0.92 2.22
C PHE A 108 18.52 0.14 3.21
N GLY A 109 18.89 -0.05 4.48
CA GLY A 109 18.55 0.89 5.55
C GLY A 109 19.80 1.58 6.06
N PHE A 110 19.68 2.88 6.31
CA PHE A 110 20.83 3.67 6.69
C PHE A 110 20.39 4.89 7.49
N ILE A 111 21.30 5.37 8.34
CA ILE A 111 21.06 6.57 9.13
C ILE A 111 21.32 7.79 8.27
N TYR A 112 20.37 8.72 8.25
CA TYR A 112 20.48 9.95 7.46
C TYR A 112 20.19 11.13 8.38
N GLU A 113 21.21 11.92 8.67
CA GLU A 113 21.10 13.04 9.61
C GLU A 113 21.54 14.37 8.99
N ARG A 114 21.32 14.53 7.68
CA ARG A 114 21.69 15.76 7.01
C ARG A 114 20.47 16.61 6.69
N GLU A 115 20.76 17.86 6.28
CA GLU A 115 19.74 18.87 6.07
C GLU A 115 18.89 18.59 4.84
N GLN A 116 19.49 18.07 3.78
CA GLN A 116 18.87 18.08 2.46
C GLN A 116 17.61 17.23 2.42
N LEU A 117 16.69 17.61 1.55
CA LEU A 117 15.47 16.86 1.34
C LEU A 117 15.65 15.69 0.40
N GLU A 118 16.84 15.52 -0.17
CA GLU A 118 17.18 14.36 -0.99
C GLU A 118 18.34 13.61 -0.34
N ALA A 119 18.24 12.29 -0.31
CA ALA A 119 19.24 11.45 0.33
C ALA A 119 19.79 10.45 -0.68
N THR A 120 21.10 10.22 -0.62
CA THR A 120 21.75 9.23 -1.47
C THR A 120 21.90 7.93 -0.69
N CYS A 121 21.32 6.86 -1.21
CA CYS A 121 21.47 5.55 -0.57
C CYS A 121 22.92 5.12 -0.65
N PRO A 122 23.54 4.73 0.48
CA PRO A 122 24.95 4.30 0.44
C PRO A 122 25.18 3.00 -0.30
N GLN A 123 24.11 2.25 -0.60
CA GLN A 123 24.24 0.97 -1.28
C GLN A 123 24.06 1.11 -2.78
N CYS A 124 22.92 1.64 -3.23
CA CYS A 124 22.70 1.75 -4.65
C CYS A 124 23.14 3.09 -5.22
N HIS A 125 23.52 4.05 -4.37
CA HIS A 125 24.01 5.36 -4.79
C HIS A 125 22.96 6.16 -5.55
N GLN A 126 21.70 5.77 -5.46
CA GLN A 126 20.61 6.52 -6.05
C GLN A 126 19.99 7.44 -5.02
N THR A 127 19.56 8.62 -5.46
CA THR A 127 19.05 9.65 -4.56
C THR A 127 17.53 9.71 -4.63
N PHE A 128 16.91 9.91 -3.46
CA PHE A 128 15.46 9.94 -3.37
C PHE A 128 15.03 11.05 -2.41
N CYS A 129 13.78 11.47 -2.55
CA CYS A 129 13.21 12.45 -1.62
C CYS A 129 12.95 11.80 -0.28
N VAL A 130 13.38 12.45 0.80
CA VAL A 130 13.25 11.83 2.11
C VAL A 130 11.81 11.75 2.60
N ARG A 131 10.89 12.50 1.98
CA ARG A 131 9.51 12.49 2.44
C ARG A 131 8.65 11.51 1.64
N CYS A 132 8.64 11.62 0.31
CA CYS A 132 7.84 10.72 -0.51
C CYS A 132 8.61 9.48 -0.97
N LYS A 133 9.93 9.47 -0.81
CA LYS A 133 10.81 8.34 -1.09
C LYS A 133 10.89 7.97 -2.56
N ARG A 134 10.38 8.82 -3.44
CA ARG A 134 10.50 8.57 -4.88
C ARG A 134 11.87 9.02 -5.38
N GLN A 135 12.24 8.53 -6.56
CA GLN A 135 13.51 8.89 -7.16
C GLN A 135 13.59 10.39 -7.37
N TRP A 136 14.73 10.98 -7.00
CA TRP A 136 14.88 12.42 -7.06
C TRP A 136 15.21 12.86 -8.48
N GLU A 137 14.32 13.66 -9.07
CA GLU A 137 14.60 14.41 -10.27
C GLU A 137 14.56 15.90 -9.95
N GLU A 138 15.26 16.70 -10.74
CA GLU A 138 15.27 18.14 -10.48
C GLU A 138 13.89 18.76 -10.63
N GLN A 139 12.94 18.07 -11.28
CA GLN A 139 11.57 18.54 -11.30
C GLN A 139 10.99 18.65 -9.91
N HIS A 140 11.43 17.78 -8.98
CA HIS A 140 10.97 17.85 -7.60
C HIS A 140 11.51 19.07 -6.87
N ARG A 141 12.58 19.67 -7.36
CA ARG A 141 13.16 20.84 -6.69
C ARG A 141 12.18 22.00 -6.69
N GLY A 142 11.93 22.55 -5.50
CA GLY A 142 10.98 23.64 -5.36
C GLY A 142 9.53 23.24 -5.49
N ARG A 143 9.22 21.95 -5.49
CA ARG A 143 7.86 21.46 -5.65
C ARG A 143 7.51 20.53 -4.51
N SER A 144 6.25 20.60 -4.07
CA SER A 144 5.76 19.64 -3.10
C SER A 144 5.75 18.23 -3.70
N CYS A 145 5.70 17.24 -2.80
CA CYS A 145 5.74 15.85 -3.25
C CYS A 145 4.48 15.49 -4.03
N GLU A 146 3.33 16.04 -3.61
CA GLU A 146 2.09 15.81 -4.34
C GLU A 146 2.16 16.42 -5.74
N ASP A 147 2.66 17.65 -5.85
CA ASP A 147 2.94 18.23 -7.16
C ASP A 147 3.81 17.29 -7.99
N PHE A 148 4.85 16.74 -7.36
CA PHE A 148 5.78 15.89 -8.09
C PHE A 148 5.14 14.59 -8.54
N GLN A 149 4.40 13.93 -7.65
CA GLN A 149 3.77 12.66 -8.02
C GLN A 149 2.63 12.88 -9.01
N ASN A 150 1.78 13.88 -8.75
CA ASN A 150 0.76 14.27 -9.72
C ASN A 150 1.38 14.62 -11.07
N TRP A 151 2.68 14.94 -11.10
CA TRP A 151 3.36 15.20 -12.35
C TRP A 151 3.78 13.90 -13.03
N LYS A 152 4.42 12.99 -12.29
CA LYS A 152 4.87 11.73 -12.87
C LYS A 152 3.70 10.89 -13.36
N ARG A 153 2.60 10.87 -12.61
CA ARG A 153 1.42 10.13 -13.02
C ARG A 153 0.84 10.69 -14.30
N MET A 154 0.80 12.02 -14.45
CA MET A 154 0.29 12.63 -15.67
C MET A 154 1.35 12.75 -16.75
N ASN A 155 2.41 11.96 -16.68
CA ASN A 155 3.44 11.87 -17.72
C ASN A 155 3.85 10.44 -18.03
N ASP A 156 3.39 9.46 -17.26
CA ASP A 156 3.68 8.07 -17.56
C ASP A 156 2.89 7.64 -18.80
N PRO A 157 3.54 7.09 -19.82
CA PRO A 157 2.79 6.73 -21.04
C PRO A 157 1.74 5.65 -20.82
N GLU A 158 2.06 4.63 -20.02
CA GLU A 158 1.11 3.54 -19.80
C GLU A 158 -0.13 4.00 -19.04
N TYR A 159 -0.03 5.08 -18.26
CA TYR A 159 -1.21 5.59 -17.55
C TYR A 159 -2.14 6.34 -18.49
N GLN A 160 -1.59 7.10 -19.43
CA GLN A 160 -2.41 7.86 -20.36
C GLN A 160 -2.96 7.00 -21.49
N ALA A 161 -2.25 5.93 -21.84
CA ALA A 161 -2.78 4.98 -22.82
C ALA A 161 -4.09 4.36 -22.34
N GLN A 162 -4.25 4.20 -21.02
CA GLN A 162 -5.49 3.68 -20.48
C GLN A 162 -6.66 4.63 -20.68
N GLY A 163 -6.39 5.93 -20.85
CA GLY A 163 -7.45 6.85 -21.21
C GLY A 163 -8.48 7.02 -20.11
N LEU A 164 -9.75 7.14 -20.52
CA LEU A 164 -10.82 7.40 -19.57
C LEU A 164 -11.10 6.23 -18.66
N ALA A 165 -10.60 5.03 -18.98
CA ALA A 165 -10.79 3.89 -18.11
C ALA A 165 -10.19 4.13 -16.73
N MET A 166 -9.14 4.95 -16.64
CA MET A 166 -8.60 5.31 -15.34
C MET A 166 -9.56 6.19 -14.56
N TYR A 167 -10.23 7.12 -15.25
CA TYR A 167 -11.16 8.01 -14.56
C TYR A 167 -12.33 7.22 -13.98
N LEU A 168 -12.78 6.18 -14.67
CA LEU A 168 -13.93 5.42 -14.20
C LEU A 168 -13.60 4.56 -12.99
N GLN A 169 -12.34 4.16 -12.83
CA GLN A 169 -11.93 3.32 -11.72
C GLN A 169 -11.55 4.12 -10.48
N GLU A 170 -10.88 5.27 -10.66
CA GLU A 170 -10.67 6.18 -9.55
C GLU A 170 -11.98 6.74 -9.02
N ASN A 171 -13.06 6.66 -9.80
CA ASN A 171 -14.41 6.78 -9.27
C ASN A 171 -14.76 5.45 -8.64
N GLY A 172 -14.46 5.31 -7.35
CA GLY A 172 -14.63 4.04 -6.69
C GLY A 172 -16.07 3.70 -6.36
N ILE A 173 -16.28 2.45 -5.97
CA ILE A 173 -17.56 1.95 -5.51
C ILE A 173 -17.39 1.61 -4.04
N ASP A 174 -18.03 2.38 -3.17
CA ASP A 174 -17.93 2.19 -1.73
C ASP A 174 -19.21 1.54 -1.22
N CYS A 175 -19.09 0.35 -0.65
CA CYS A 175 -20.27 -0.31 -0.09
C CYS A 175 -20.82 0.50 1.07
N PRO A 176 -22.11 0.86 1.06
CA PRO A 176 -22.64 1.76 2.09
C PRO A 176 -22.85 1.11 3.45
N LYS A 177 -22.69 -0.21 3.58
CA LYS A 177 -22.78 -0.86 4.88
C LYS A 177 -21.41 -1.10 5.48
N CYS A 178 -20.53 -1.79 4.78
CA CYS A 178 -19.23 -2.10 5.38
C CYS A 178 -18.16 -1.09 5.03
N LYS A 179 -18.45 -0.13 4.16
CA LYS A 179 -17.54 0.94 3.76
C LYS A 179 -16.31 0.42 3.04
N PHE A 180 -16.35 -0.81 2.54
CA PHE A 180 -15.30 -1.33 1.68
C PHE A 180 -15.36 -0.64 0.32
N SER A 181 -14.19 -0.31 -0.22
CA SER A 181 -14.09 0.39 -1.48
C SER A 181 -13.53 -0.53 -2.55
N TYR A 182 -13.98 -0.31 -3.79
CA TYR A 182 -13.54 -1.08 -4.93
C TYR A 182 -13.12 -0.12 -6.05
N ALA A 183 -11.98 -0.41 -6.66
CA ALA A 183 -11.50 0.37 -7.81
C ALA A 183 -12.11 -0.18 -9.10
N LEU A 184 -13.43 -0.12 -9.17
CA LEU A 184 -14.20 -0.71 -10.25
C LEU A 184 -15.13 0.32 -10.86
N ALA A 185 -15.19 0.36 -12.19
CA ALA A 185 -16.29 1.06 -12.84
C ALA A 185 -17.59 0.32 -12.58
N ARG A 186 -18.70 1.06 -12.63
CA ARG A 186 -20.01 0.48 -12.34
C ARG A 186 -20.53 -0.41 -13.46
N GLY A 187 -19.93 -0.35 -14.64
CA GLY A 187 -20.19 -1.34 -15.68
C GLY A 187 -21.62 -1.30 -16.18
N GLY A 188 -22.23 -2.49 -16.29
CA GLY A 188 -23.53 -2.61 -16.90
C GLY A 188 -24.57 -3.33 -16.06
N CYS A 189 -24.20 -3.78 -14.87
CA CYS A 189 -25.13 -4.42 -13.94
C CYS A 189 -25.10 -3.62 -12.64
N MET A 190 -26.12 -2.78 -12.44
CA MET A 190 -26.15 -1.89 -11.29
C MET A 190 -26.20 -2.65 -9.97
N HIS A 191 -26.73 -3.88 -10.00
CA HIS A 191 -26.86 -4.70 -8.79
C HIS A 191 -25.47 -5.17 -8.36
N PHE A 192 -24.93 -4.53 -7.32
CA PHE A 192 -23.60 -4.85 -6.82
C PHE A 192 -23.71 -5.78 -5.61
N HIS A 193 -22.75 -6.69 -5.50
CA HIS A 193 -22.61 -7.58 -4.35
C HIS A 193 -21.29 -7.28 -3.67
N CYS A 194 -21.33 -6.65 -2.50
CA CYS A 194 -20.12 -6.49 -1.71
C CYS A 194 -19.78 -7.80 -1.01
N THR A 195 -18.49 -8.03 -0.79
CA THR A 195 -18.04 -9.35 -0.34
C THR A 195 -17.97 -9.50 1.18
N GLN A 196 -17.59 -8.45 1.92
CA GLN A 196 -17.44 -8.58 3.36
C GLN A 196 -18.80 -8.61 4.07
N CYS A 197 -19.79 -7.89 3.55
CA CYS A 197 -21.07 -7.87 4.22
C CYS A 197 -22.16 -8.58 3.44
N ARG A 198 -21.86 -9.02 2.22
CA ARG A 198 -22.83 -9.57 1.28
C ARG A 198 -23.95 -8.58 0.96
N HIS A 199 -23.82 -7.33 1.39
CA HIS A 199 -24.85 -6.33 1.17
C HIS A 199 -25.07 -6.12 -0.32
N GLN A 200 -26.34 -5.98 -0.70
CA GLN A 200 -26.73 -5.78 -2.08
C GLN A 200 -27.24 -4.37 -2.24
N PHE A 201 -26.68 -3.64 -3.19
CA PHE A 201 -27.00 -2.23 -3.36
C PHE A 201 -26.77 -1.85 -4.82
N CYS A 202 -27.36 -0.72 -5.21
CA CYS A 202 -27.13 -0.16 -6.54
C CYS A 202 -25.82 0.61 -6.54
N SER A 203 -24.95 0.31 -7.49
CA SER A 203 -23.66 0.98 -7.55
C SER A 203 -23.77 2.42 -8.03
N GLY A 204 -24.91 2.82 -8.58
CA GLY A 204 -25.07 4.18 -9.05
C GLY A 204 -25.67 5.10 -8.01
N CYS A 205 -26.59 4.59 -7.18
CA CYS A 205 -27.22 5.45 -6.18
C CYS A 205 -27.04 4.99 -4.76
N TYR A 206 -26.44 3.80 -4.54
CA TYR A 206 -26.15 3.25 -3.21
C TYR A 206 -27.41 2.91 -2.42
N ASN A 207 -28.56 2.86 -3.09
CA ASN A 207 -29.77 2.37 -2.44
C ASN A 207 -29.77 0.85 -2.39
N ALA A 208 -30.47 0.30 -1.41
CA ALA A 208 -30.43 -1.14 -1.16
C ALA A 208 -31.29 -1.89 -2.18
N PHE A 209 -30.79 -3.06 -2.57
CA PHE A 209 -31.57 -4.02 -3.36
C PHE A 209 -32.25 -4.97 -2.38
N TYR A 210 -33.58 -4.91 -2.31
CA TYR A 210 -34.33 -5.65 -1.31
C TYR A 210 -34.67 -7.04 -1.82
N ALA A 211 -34.47 -8.04 -0.96
CA ALA A 211 -34.92 -9.39 -1.25
C ALA A 211 -36.45 -9.42 -1.30
N LYS A 212 -37.00 -10.62 -1.48
CA LYS A 212 -38.44 -10.75 -1.62
C LYS A 212 -39.15 -10.35 -0.32
N ASN A 213 -40.16 -9.51 -0.45
CA ASN A 213 -41.00 -9.07 0.66
C ASN A 213 -40.22 -8.30 1.72
N LYS A 214 -39.10 -7.68 1.36
CA LYS A 214 -38.28 -6.93 2.30
C LYS A 214 -38.30 -5.43 2.05
N CYS A 215 -38.86 -4.96 0.94
CA CYS A 215 -38.82 -3.54 0.62
C CYS A 215 -39.81 -2.78 1.50
N PRO A 216 -39.36 -1.75 2.22
CA PRO A 216 -40.28 -0.96 3.07
C PRO A 216 -40.82 0.30 2.42
N GLU A 217 -40.46 0.59 1.18
CA GLU A 217 -40.90 1.83 0.54
C GLU A 217 -42.41 1.83 0.36
N PRO A 218 -43.07 2.96 0.61
CA PRO A 218 -44.53 3.00 0.49
C PRO A 218 -44.97 2.88 -0.95
N ASN A 219 -46.07 2.14 -1.15
CA ASN A 219 -46.74 1.95 -2.44
C ASN A 219 -45.89 1.21 -3.47
N CYS A 220 -44.80 0.57 -3.05
CA CYS A 220 -44.00 -0.19 -3.99
C CYS A 220 -44.83 -1.34 -4.57
N ARG A 221 -44.76 -1.51 -5.89
CA ARG A 221 -45.62 -2.48 -6.56
C ARG A 221 -44.91 -3.76 -6.95
N VAL A 222 -43.63 -3.91 -6.60
CA VAL A 222 -42.86 -5.12 -6.90
C VAL A 222 -42.25 -5.66 -5.63
N LYS A 223 -43.00 -5.58 -4.51
CA LYS A 223 -42.45 -5.94 -3.21
C LYS A 223 -42.12 -7.43 -3.10
N LYS A 224 -42.80 -8.28 -3.87
CA LYS A 224 -42.46 -9.70 -3.90
C LYS A 224 -41.32 -10.02 -4.87
N SER A 225 -40.69 -9.02 -5.44
CA SER A 225 -39.59 -9.23 -6.38
C SER A 225 -38.32 -8.56 -5.88
N LEU A 226 -37.19 -9.15 -6.23
CA LEU A 226 -35.90 -8.51 -5.99
C LEU A 226 -35.81 -7.23 -6.81
N HIS A 227 -35.48 -6.13 -6.14
CA HIS A 227 -35.47 -4.82 -6.80
C HIS A 227 -34.84 -3.80 -5.86
N GLY A 228 -34.54 -2.63 -6.43
CA GLY A 228 -34.18 -1.46 -5.66
C GLY A 228 -34.93 -0.25 -6.17
N HIS A 229 -34.82 0.84 -5.42
CA HIS A 229 -35.46 2.11 -5.79
C HIS A 229 -34.37 3.13 -6.08
N HIS A 230 -34.54 3.86 -7.18
CA HIS A 230 -33.49 4.74 -7.65
C HIS A 230 -34.01 6.17 -7.83
N PRO A 231 -33.19 7.16 -7.50
CA PRO A 231 -33.55 8.55 -7.84
C PRO A 231 -33.47 8.78 -9.34
N ARG A 232 -34.11 9.85 -9.79
CA ARG A 232 -34.24 10.08 -11.22
C ARG A 232 -32.90 10.32 -11.90
N ASP A 233 -31.85 10.66 -11.15
CA ASP A 233 -30.54 10.95 -11.74
C ASP A 233 -29.54 9.82 -11.52
N CYS A 234 -30.01 8.63 -11.16
CA CYS A 234 -29.13 7.48 -11.02
C CYS A 234 -28.86 6.84 -12.38
N LEU A 235 -27.66 6.28 -12.51
CA LEU A 235 -27.26 5.64 -13.76
C LEU A 235 -28.23 4.53 -14.16
N PHE A 236 -28.93 3.93 -13.18
CA PHE A 236 -29.92 2.90 -13.49
C PHE A 236 -30.94 3.41 -14.50
N TYR A 237 -31.38 4.65 -14.37
CA TYR A 237 -32.31 5.25 -15.31
C TYR A 237 -31.60 5.99 -16.44
N LEU A 238 -30.54 6.74 -16.12
CA LEU A 238 -29.89 7.58 -17.13
C LEU A 238 -29.13 6.76 -18.16
N ARG A 239 -28.82 5.49 -17.88
CA ARG A 239 -28.20 4.65 -18.88
C ARG A 239 -29.13 4.33 -20.04
N ASP A 240 -30.43 4.54 -19.87
CA ASP A 240 -31.39 4.33 -20.95
C ASP A 240 -31.46 5.51 -21.91
N TRP A 241 -30.97 6.67 -21.49
CA TRP A 241 -30.89 7.81 -22.40
C TRP A 241 -29.85 7.53 -23.48
N THR A 242 -30.07 8.14 -24.65
CA THR A 242 -29.03 8.15 -25.66
C THR A 242 -27.87 9.01 -25.18
N ALA A 243 -26.66 8.71 -25.66
CA ALA A 243 -25.52 9.57 -25.38
C ALA A 243 -25.77 10.99 -25.83
N LEU A 244 -26.56 11.16 -26.90
CA LEU A 244 -26.87 12.50 -27.39
C LEU A 244 -27.66 13.30 -26.36
N ARG A 245 -28.66 12.68 -25.73
CA ARG A 245 -29.47 13.41 -24.76
C ARG A 245 -28.70 13.67 -23.48
N LEU A 246 -27.85 12.72 -23.06
CA LEU A 246 -27.00 12.96 -21.91
C LEU A 246 -26.02 14.11 -22.19
N GLN A 247 -25.49 14.17 -23.41
CA GLN A 247 -24.66 15.30 -23.80
C GLN A 247 -25.46 16.59 -23.85
N LYS A 248 -26.75 16.51 -24.17
CA LYS A 248 -27.58 17.71 -24.20
C LYS A 248 -27.75 18.30 -22.81
N LEU A 249 -27.90 17.44 -21.80
CA LEU A 249 -27.98 17.93 -20.42
C LEU A 249 -26.68 18.59 -20.00
N LEU A 250 -25.55 18.02 -20.41
CA LEU A 250 -24.25 18.62 -20.07
C LEU A 250 -24.06 19.93 -20.80
N GLN A 251 -24.34 19.96 -22.11
CA GLN A 251 -24.12 21.16 -22.90
C GLN A 251 -24.99 22.32 -22.41
N ASP A 252 -26.23 22.03 -22.02
CA ASP A 252 -27.11 23.08 -21.52
C ASP A 252 -26.60 23.68 -20.22
N ASN A 253 -25.64 23.02 -19.55
CA ASN A 253 -25.02 23.54 -18.34
C ASN A 253 -23.54 23.83 -18.55
N ASN A 254 -23.09 23.88 -19.81
CA ASN A 254 -21.72 24.25 -20.16
C ASN A 254 -20.69 23.34 -19.46
N VAL A 255 -21.01 22.06 -19.37
CA VAL A 255 -20.10 21.06 -18.82
C VAL A 255 -19.43 20.34 -19.97
N MET A 256 -18.10 20.37 -20.02
CA MET A 256 -17.37 19.75 -21.09
C MET A 256 -17.37 18.23 -20.94
N PHE A 257 -17.18 17.54 -22.06
CA PHE A 257 -17.12 16.09 -22.08
C PHE A 257 -16.29 15.66 -23.28
N ASN A 258 -15.57 14.55 -23.11
CA ASN A 258 -14.76 14.01 -24.19
C ASN A 258 -15.63 13.23 -25.17
N THR A 259 -15.25 13.27 -26.44
CA THR A 259 -15.80 12.40 -27.45
C THR A 259 -14.75 11.57 -28.16
N GLU A 260 -13.48 11.91 -28.03
CA GLU A 260 -12.36 11.18 -28.59
C GLU A 260 -11.42 10.77 -27.48
N PRO A 261 -10.63 9.73 -27.67
CA PRO A 261 -9.66 9.31 -26.66
C PRO A 261 -8.68 10.43 -26.35
N PRO A 262 -8.43 10.71 -25.06
CA PRO A 262 -7.48 11.74 -24.64
C PRO A 262 -6.03 11.31 -24.84
N GLY A 272 -10.63 -4.17 -27.49
CA GLY A 272 -11.73 -3.22 -27.44
C GLY A 272 -11.67 -2.29 -26.24
N CYS A 273 -12.83 -2.08 -25.61
CA CYS A 273 -12.89 -1.18 -24.46
C CYS A 273 -12.02 -1.70 -23.33
N ARG A 274 -11.22 -0.81 -22.75
CA ARG A 274 -10.20 -1.18 -21.78
C ARG A 274 -10.65 -1.09 -20.33
N VAL A 275 -11.92 -0.76 -20.08
CA VAL A 275 -12.39 -0.67 -18.70
C VAL A 275 -12.26 -2.03 -18.01
N ILE A 276 -11.69 -2.03 -16.82
CA ILE A 276 -11.33 -3.26 -16.13
C ILE A 276 -12.54 -3.78 -15.36
N GLU A 277 -12.84 -5.06 -15.52
CA GLU A 277 -13.89 -5.75 -14.80
C GLU A 277 -13.31 -6.99 -14.11
N GLN A 278 -14.08 -7.54 -13.18
CA GLN A 278 -13.64 -8.65 -12.34
C GLN A 278 -14.40 -9.92 -12.74
N LYS A 279 -13.69 -10.91 -13.25
CA LYS A 279 -14.27 -12.19 -13.60
C LYS A 279 -13.88 -13.24 -12.57
N GLU A 280 -14.84 -14.09 -12.20
CA GLU A 280 -14.60 -15.15 -11.23
C GLU A 280 -13.93 -16.34 -11.92
N VAL A 281 -12.73 -16.68 -11.47
CA VAL A 281 -11.97 -17.82 -12.01
C VAL A 281 -11.81 -18.83 -10.88
N PRO A 282 -11.32 -20.06 -11.15
CA PRO A 282 -11.22 -21.07 -10.07
C PRO A 282 -10.49 -20.59 -8.82
N ASN A 283 -9.45 -19.76 -8.96
CA ASN A 283 -8.74 -19.22 -7.81
C ASN A 283 -8.87 -17.70 -7.72
N GLY A 284 -10.11 -17.23 -7.55
CA GLY A 284 -10.36 -15.85 -7.14
C GLY A 284 -11.02 -15.02 -8.24
N LEU A 285 -10.54 -13.79 -8.41
CA LEU A 285 -11.04 -12.84 -9.40
C LEU A 285 -9.92 -12.50 -10.35
N ARG A 286 -10.25 -12.24 -11.61
CA ARG A 286 -9.25 -11.88 -12.60
C ARG A 286 -9.71 -10.70 -13.43
N ASP A 287 -8.78 -9.78 -13.68
CA ASP A 287 -9.09 -8.56 -14.43
C ASP A 287 -9.27 -8.90 -15.91
N GLU A 288 -10.51 -8.84 -16.38
CA GLU A 288 -10.83 -8.99 -17.79
C GLU A 288 -11.25 -7.63 -18.32
N ALA A 289 -10.40 -7.02 -19.13
CA ALA A 289 -10.75 -5.77 -19.79
C ALA A 289 -12.08 -5.91 -20.52
N CYS A 290 -12.91 -4.86 -20.42
CA CYS A 290 -14.27 -4.90 -20.95
C CYS A 290 -14.32 -5.50 -22.35
N GLY A 291 -13.50 -4.96 -23.25
CA GLY A 291 -13.32 -5.54 -24.56
C GLY A 291 -14.44 -5.33 -25.55
N LYS A 292 -15.53 -4.67 -25.15
CA LYS A 292 -16.62 -4.45 -26.08
C LYS A 292 -16.23 -3.40 -27.12
N GLU A 293 -17.08 -3.26 -28.15
CA GLU A 293 -16.82 -2.32 -29.22
C GLU A 293 -16.61 -0.91 -28.67
N THR A 294 -15.82 -0.11 -29.38
CA THR A 294 -15.58 1.29 -29.00
C THR A 294 -16.03 2.19 -30.15
N PRO A 295 -17.30 2.60 -30.15
CA PRO A 295 -17.82 3.36 -31.29
C PRO A 295 -17.19 4.74 -31.42
N ALA A 296 -17.33 5.30 -32.61
CA ALA A 296 -16.82 6.64 -32.87
C ALA A 296 -17.61 7.66 -32.07
N GLY A 297 -16.89 8.61 -31.47
CA GLY A 297 -17.52 9.62 -30.65
C GLY A 297 -17.71 9.26 -29.19
N TYR A 298 -17.30 8.05 -28.79
CA TYR A 298 -17.47 7.60 -27.41
C TYR A 298 -16.14 7.55 -26.65
N ALA A 299 -15.13 8.28 -27.15
CA ALA A 299 -13.88 8.55 -26.42
C ALA A 299 -13.15 7.27 -25.99
N GLY A 300 -13.20 6.22 -26.82
CA GLY A 300 -12.47 5.01 -26.54
C GLY A 300 -13.23 3.98 -25.72
N LEU A 301 -14.28 4.36 -25.02
CA LEU A 301 -15.06 3.42 -24.23
C LEU A 301 -16.17 2.79 -25.09
N CYS A 302 -16.79 1.75 -24.55
CA CYS A 302 -18.02 1.23 -25.14
C CYS A 302 -19.17 2.18 -24.83
N GLN A 303 -20.32 1.93 -25.45
CA GLN A 303 -21.50 2.76 -25.17
C GLN A 303 -21.85 2.71 -23.69
N ALA A 304 -21.78 1.52 -23.07
CA ALA A 304 -22.17 1.39 -21.68
C ALA A 304 -21.25 2.21 -20.77
N HIS A 305 -19.94 2.07 -20.93
CA HIS A 305 -19.01 2.81 -20.09
C HIS A 305 -18.89 4.28 -20.50
N TYR A 306 -19.19 4.61 -21.75
CA TYR A 306 -19.23 6.02 -22.13
C TYR A 306 -20.43 6.73 -21.51
N LYS A 307 -21.57 6.03 -21.42
CA LYS A 307 -22.72 6.60 -20.75
C LYS A 307 -22.46 6.74 -19.25
N GLU A 308 -21.81 5.75 -18.64
CA GLU A 308 -21.42 5.87 -17.23
C GLU A 308 -20.49 7.07 -17.04
N TYR A 309 -19.61 7.31 -18.01
CA TYR A 309 -18.72 8.47 -17.93
C TYR A 309 -19.51 9.77 -18.03
N LEU A 310 -20.54 9.82 -18.86
CA LEU A 310 -21.35 11.03 -18.97
C LEU A 310 -22.20 11.23 -17.72
N VAL A 311 -22.81 10.17 -17.21
CA VAL A 311 -23.56 10.25 -15.96
C VAL A 311 -22.63 10.67 -14.82
N SER A 312 -21.38 10.23 -14.86
CA SER A 312 -20.38 10.70 -13.90
C SER A 312 -20.31 12.21 -13.87
N LEU A 313 -20.22 12.84 -15.05
CA LEU A 313 -20.14 14.30 -15.11
C LEU A 313 -21.48 14.93 -14.69
N ILE A 314 -22.58 14.31 -15.08
CA ILE A 314 -23.90 14.84 -14.73
C ILE A 314 -24.10 14.83 -13.22
N ASN A 315 -23.76 13.71 -12.58
CA ASN A 315 -23.91 13.62 -11.12
C ASN A 315 -22.93 14.52 -10.40
N ALA A 316 -21.69 14.61 -10.90
CA ALA A 316 -20.68 15.44 -10.25
C ALA A 316 -21.11 16.90 -10.18
N HIS A 317 -21.82 17.37 -11.21
CA HIS A 317 -22.32 18.74 -11.25
C HIS A 317 -23.76 18.84 -10.74
N SER A 318 -24.33 17.74 -10.25
CA SER A 318 -25.69 17.71 -9.72
C SER A 318 -26.70 18.25 -10.72
N LEU A 319 -26.51 17.89 -11.99
CA LEU A 319 -27.45 18.30 -13.02
C LEU A 319 -28.75 17.52 -12.90
N ASP A 320 -29.87 18.18 -13.17
CA ASP A 320 -31.18 17.57 -12.99
C ASP A 320 -31.72 17.13 -14.33
N PRO A 321 -31.90 15.82 -14.57
CA PRO A 321 -32.48 15.38 -15.85
C PRO A 321 -33.92 15.82 -16.04
N ALA A 322 -34.63 16.17 -14.96
CA ALA A 322 -36.02 16.61 -15.09
C ALA A 322 -36.14 17.90 -15.89
N THR A 323 -35.05 18.66 -16.01
CA THR A 323 -35.06 19.88 -16.82
C THR A 323 -35.32 19.60 -18.29
N LEU A 324 -35.18 18.34 -18.73
CA LEU A 324 -35.46 17.95 -20.10
C LEU A 324 -36.70 17.08 -20.23
N TYR A 325 -37.39 16.79 -19.13
CA TYR A 325 -38.56 15.93 -19.17
C TYR A 325 -39.65 16.52 -20.05
N GLU A 326 -40.29 15.66 -20.83
CA GLU A 326 -41.54 16.02 -21.47
C GLU A 326 -42.69 15.82 -20.48
N VAL A 327 -43.91 16.12 -20.92
CA VAL A 327 -45.08 15.97 -20.05
C VAL A 327 -45.21 14.52 -19.60
N GLU A 328 -45.08 13.58 -20.53
CA GLU A 328 -45.21 12.17 -20.20
C GLU A 328 -44.16 11.74 -19.17
N GLU A 329 -42.93 12.25 -19.30
CA GLU A 329 -41.89 11.92 -18.34
C GLU A 329 -42.18 12.54 -16.97
N LEU A 330 -42.71 13.76 -16.96
CA LEU A 330 -43.05 14.40 -15.68
C LEU A 330 -44.19 13.67 -15.00
N GLU A 331 -45.15 13.16 -15.77
CA GLU A 331 -46.26 12.42 -15.18
C GLU A 331 -45.78 11.10 -14.59
N THR A 332 -44.92 10.39 -15.33
CA THR A 332 -44.32 9.17 -14.79
C THR A 332 -43.53 9.46 -13.52
N ALA A 333 -42.76 10.55 -13.53
CA ALA A 333 -41.97 10.91 -12.34
C ALA A 333 -42.87 11.28 -11.17
N THR A 334 -44.00 11.92 -11.44
CA THR A 334 -44.92 12.29 -10.37
C THR A 334 -45.55 11.06 -9.72
N GLU A 335 -45.95 10.08 -10.53
CA GLU A 335 -46.51 8.85 -9.98
C GLU A 335 -45.45 8.04 -9.23
N ARG A 336 -44.20 8.10 -9.70
CA ARG A 336 -43.14 7.27 -9.12
C ARG A 336 -42.64 7.83 -7.79
N TYR A 337 -42.42 9.15 -7.72
CA TYR A 337 -41.78 9.75 -6.56
C TYR A 337 -42.72 10.52 -5.66
N LEU A 338 -43.86 10.98 -6.15
CA LEU A 338 -44.87 11.63 -5.32
C LEU A 338 -46.09 10.76 -5.06
N HIS A 339 -46.23 9.64 -5.77
CA HIS A 339 -47.26 8.64 -5.52
C HIS A 339 -48.67 9.20 -5.72
N VAL A 340 -48.81 10.11 -6.68
CA VAL A 340 -50.11 10.60 -7.11
C VAL A 340 -50.09 10.70 -8.63
N ARG A 341 -51.24 10.43 -9.24
CA ARG A 341 -51.37 10.66 -10.68
C ARG A 341 -51.67 12.13 -10.92
N PRO A 342 -50.83 12.86 -11.64
CA PRO A 342 -51.13 14.27 -11.90
C PRO A 342 -52.34 14.42 -12.82
N GLN A 343 -52.85 15.65 -12.87
CA GLN A 343 -54.01 15.95 -13.69
C GLN A 343 -53.94 17.41 -14.11
N PRO A 344 -54.13 17.71 -15.39
CA PRO A 344 -54.13 19.11 -15.81
C PRO A 344 -55.23 19.90 -15.12
N LEU A 345 -55.00 21.21 -15.00
CA LEU A 345 -55.97 22.12 -14.42
C LEU A 345 -56.59 22.98 -15.51
N ALA A 346 -57.80 23.47 -15.25
CA ALA A 346 -58.50 24.28 -16.23
C ALA A 346 -57.69 25.53 -16.58
N GLY A 347 -57.62 25.83 -17.88
CA GLY A 347 -56.85 26.95 -18.36
C GLY A 347 -55.40 26.63 -18.66
N GLU A 348 -54.89 25.49 -18.19
CA GLU A 348 -53.50 25.11 -18.43
C GLU A 348 -53.33 24.59 -19.85
N ASP A 349 -52.31 25.07 -20.54
CA ASP A 349 -51.83 24.46 -21.77
C ASP A 349 -50.70 23.50 -21.43
N PRO A 350 -50.28 22.67 -22.38
CA PRO A 350 -49.21 21.69 -22.10
C PRO A 350 -47.98 22.33 -21.49
N PRO A 351 -47.51 23.50 -21.97
CA PRO A 351 -46.35 24.12 -21.30
C PRO A 351 -46.60 24.49 -19.84
N ALA A 352 -47.77 25.04 -19.52
CA ALA A 352 -48.06 25.37 -18.13
C ALA A 352 -48.21 24.12 -17.28
N TYR A 353 -48.87 23.09 -17.82
CA TYR A 353 -48.95 21.81 -17.13
C TYR A 353 -47.55 21.24 -16.89
N GLN A 354 -46.68 21.34 -17.88
CA GLN A 354 -45.31 20.86 -17.73
C GLN A 354 -44.57 21.65 -16.65
N ALA A 355 -44.71 22.98 -16.67
CA ALA A 355 -44.00 23.82 -15.71
C ALA A 355 -44.45 23.54 -14.28
N ARG A 356 -45.74 23.25 -14.09
CA ARG A 356 -46.25 22.96 -12.75
C ARG A 356 -45.71 21.64 -12.24
N LEU A 357 -45.77 20.58 -13.06
CA LEU A 357 -45.26 19.28 -12.63
C LEU A 357 -43.78 19.34 -12.32
N LEU A 358 -43.03 20.13 -13.09
CA LEU A 358 -41.59 20.26 -12.86
C LEU A 358 -41.32 20.95 -11.53
N GLN A 359 -42.05 22.02 -11.23
CA GLN A 359 -41.83 22.75 -9.98
C GLN A 359 -42.09 21.86 -8.77
N LYS A 360 -43.24 21.20 -8.74
CA LYS A 360 -43.56 20.33 -7.61
C LYS A 360 -42.55 19.21 -7.46
N LEU A 361 -42.10 18.62 -8.58
CA LEU A 361 -41.14 17.53 -8.51
C LEU A 361 -39.80 17.99 -7.95
N THR A 362 -39.25 19.06 -8.51
CA THR A 362 -37.95 19.55 -8.06
C THR A 362 -38.00 20.12 -6.65
N GLU A 363 -39.17 20.57 -6.19
CA GLU A 363 -39.29 21.09 -4.84
C GLU A 363 -39.40 19.97 -3.81
N GLU A 364 -40.10 18.88 -4.16
CA GLU A 364 -40.42 17.83 -3.20
C GLU A 364 -39.45 16.65 -3.26
N VAL A 365 -38.91 16.32 -4.42
CA VAL A 365 -38.08 15.14 -4.61
C VAL A 365 -36.67 15.60 -4.99
N PRO A 366 -35.74 15.61 -4.03
CA PRO A 366 -34.37 16.01 -4.36
C PRO A 366 -33.66 14.93 -5.18
N LEU A 367 -32.56 15.33 -5.79
CA LEU A 367 -31.71 14.40 -6.51
C LEU A 367 -31.11 13.37 -5.54
N GLY A 368 -30.52 12.33 -6.10
CA GLY A 368 -29.94 11.24 -5.32
C GLY A 368 -29.11 11.69 -4.14
N GLN A 369 -29.55 11.35 -2.93
CA GLN A 369 -28.91 11.84 -1.71
C GLN A 369 -27.69 11.00 -1.31
N SER A 370 -27.44 9.88 -1.97
CA SER A 370 -26.24 9.08 -1.72
C SER A 370 -25.40 8.91 -2.98
N ILE A 371 -25.76 9.55 -4.07
CA ILE A 371 -24.98 9.45 -5.31
C ILE A 371 -23.61 10.10 -5.09
N PRO A 372 -22.52 9.42 -5.43
CA PRO A 372 -21.21 10.08 -5.37
C PRO A 372 -21.10 11.16 -6.43
N ARG A 373 -20.62 12.34 -6.02
CA ARG A 373 -20.68 13.53 -6.87
C ARG A 373 -19.28 14.15 -7.01
N ARG A 374 -18.43 13.45 -7.77
CA ARG A 374 -17.19 13.95 -8.40
C ARG A 374 -16.26 12.77 -8.68
N GLU B 1 -7.71 -5.34 -3.26
CA GLU B 1 -6.53 -4.83 -2.56
C GLU B 1 -5.25 -5.51 -3.04
N VAL B 2 -4.12 -5.14 -2.42
CA VAL B 2 -2.85 -5.72 -2.79
C VAL B 2 -2.88 -7.22 -2.51
N GLN B 3 -2.45 -8.01 -3.48
CA GLN B 3 -2.25 -9.43 -3.21
C GLN B 3 -0.96 -9.91 -3.86
N LEU B 4 -0.27 -10.81 -3.15
CA LEU B 4 0.95 -11.44 -3.61
C LEU B 4 0.82 -12.91 -3.30
N LEU B 5 0.91 -13.76 -4.33
CA LEU B 5 0.68 -15.19 -4.18
C LEU B 5 1.91 -15.92 -4.68
N GLU B 6 2.58 -16.63 -3.77
CA GLU B 6 3.75 -17.41 -4.13
C GLU B 6 3.35 -18.82 -4.53
N SER B 7 4.16 -19.43 -5.38
CA SER B 7 3.98 -20.83 -5.77
C SER B 7 5.31 -21.36 -6.26
N GLY B 8 5.40 -22.68 -6.34
CA GLY B 8 6.59 -23.34 -6.83
C GLY B 8 7.46 -23.95 -5.75
N GLY B 9 7.16 -23.72 -4.48
CA GLY B 9 7.93 -24.34 -3.42
C GLY B 9 7.68 -25.84 -3.37
N GLY B 10 8.67 -26.57 -2.88
CA GLY B 10 8.52 -28.01 -2.78
C GLY B 10 9.76 -28.67 -2.22
N LEU B 11 9.82 -29.98 -2.39
CA LEU B 11 10.95 -30.79 -1.93
C LEU B 11 11.92 -31.02 -3.08
N VAL B 12 13.21 -30.77 -2.82
CA VAL B 12 14.27 -30.94 -3.80
C VAL B 12 15.51 -31.46 -3.08
N GLN B 13 16.27 -32.31 -3.77
CA GLN B 13 17.53 -32.79 -3.22
C GLN B 13 18.62 -31.73 -3.40
N PRO B 14 19.67 -31.78 -2.57
CA PRO B 14 20.79 -30.83 -2.73
C PRO B 14 21.33 -30.87 -4.16
N GLY B 15 21.67 -29.68 -4.66
CA GLY B 15 22.11 -29.53 -6.03
C GLY B 15 21.00 -29.46 -7.06
N GLY B 16 19.74 -29.52 -6.62
CA GLY B 16 18.61 -29.45 -7.53
C GLY B 16 18.27 -28.02 -7.90
N SER B 17 17.24 -27.88 -8.74
CA SER B 17 16.76 -26.59 -9.20
C SER B 17 15.32 -26.39 -8.78
N LEU B 18 14.94 -25.12 -8.59
CA LEU B 18 13.57 -24.78 -8.25
C LEU B 18 13.30 -23.35 -8.69
N ARG B 19 12.09 -23.10 -9.19
CA ARG B 19 11.70 -21.78 -9.67
C ARG B 19 10.41 -21.36 -8.98
N LEU B 20 10.48 -20.33 -8.15
CA LEU B 20 9.31 -19.76 -7.51
C LEU B 20 8.74 -18.63 -8.35
N SER B 21 7.43 -18.43 -8.21
CA SER B 21 6.75 -17.32 -8.86
C SER B 21 5.91 -16.58 -7.83
N CYS B 22 5.64 -15.31 -8.12
CA CYS B 22 4.82 -14.48 -7.24
C CYS B 22 3.88 -13.70 -8.15
N ALA B 23 2.60 -14.03 -8.10
CA ALA B 23 1.58 -13.34 -8.89
C ALA B 23 1.07 -12.17 -8.08
N ALA B 24 1.18 -10.97 -8.64
CA ALA B 24 0.80 -9.76 -7.94
C ALA B 24 -0.40 -9.11 -8.62
N SER B 25 -1.20 -8.42 -7.81
CA SER B 25 -2.36 -7.68 -8.30
C SER B 25 -2.75 -6.66 -7.24
N GLY B 26 -3.55 -5.69 -7.65
CA GLY B 26 -4.03 -4.66 -6.75
C GLY B 26 -3.16 -3.43 -6.69
N PHE B 27 -2.08 -3.38 -7.45
CA PHE B 27 -1.22 -2.20 -7.50
C PHE B 27 -0.52 -2.16 -8.86
N THR B 28 0.02 -1.00 -9.19
CA THR B 28 0.76 -0.83 -10.43
C THR B 28 2.10 -1.55 -10.27
N PHE B 29 2.16 -2.79 -10.76
CA PHE B 29 3.32 -3.65 -10.53
C PHE B 29 4.61 -3.01 -11.02
N ARG B 30 4.60 -2.42 -12.22
CA ARG B 30 5.81 -1.89 -12.82
C ARG B 30 6.37 -0.68 -12.08
N GLY B 31 5.63 -0.11 -11.14
CA GLY B 31 6.05 1.07 -10.43
C GLY B 31 6.78 0.83 -9.12
N TYR B 32 7.03 -0.42 -8.74
CA TYR B 32 7.62 -0.71 -7.44
C TYR B 32 8.72 -1.74 -7.59
N SER B 33 9.75 -1.60 -6.74
CA SER B 33 10.69 -2.69 -6.53
C SER B 33 9.96 -3.90 -5.95
N MET B 34 10.52 -5.08 -6.20
CA MET B 34 10.03 -6.32 -5.62
C MET B 34 11.20 -7.10 -5.05
N ALA B 35 10.91 -7.94 -4.05
CA ALA B 35 11.96 -8.63 -3.31
C ALA B 35 11.52 -10.04 -2.93
N TRP B 36 12.52 -10.86 -2.62
CA TRP B 36 12.31 -12.17 -2.01
C TRP B 36 13.00 -12.18 -0.65
N VAL B 37 12.31 -12.68 0.36
CA VAL B 37 12.89 -12.93 1.67
C VAL B 37 12.51 -14.34 2.10
N ARG B 38 13.21 -14.85 3.12
CA ARG B 38 12.99 -16.22 3.54
C ARG B 38 13.21 -16.35 5.04
N GLN B 39 12.53 -17.32 5.65
CA GLN B 39 12.66 -17.64 7.07
C GLN B 39 12.97 -19.13 7.22
N ALA B 40 14.22 -19.45 7.51
CA ALA B 40 14.58 -20.83 7.78
C ALA B 40 13.96 -21.26 9.12
N PRO B 41 13.82 -22.57 9.35
CA PRO B 41 13.21 -23.03 10.61
C PRO B 41 13.96 -22.52 11.83
N GLY B 42 13.22 -21.85 12.72
CA GLY B 42 13.77 -21.40 13.99
C GLY B 42 14.67 -20.20 13.94
N LYS B 43 14.93 -19.62 12.76
CA LYS B 43 15.80 -18.47 12.64
C LYS B 43 14.99 -17.24 12.27
N GLY B 44 15.71 -16.15 11.98
CA GLY B 44 15.08 -14.87 11.68
C GLY B 44 14.97 -14.63 10.19
N LEU B 45 14.04 -13.75 9.83
CA LEU B 45 13.83 -13.37 8.44
C LEU B 45 15.16 -12.97 7.80
N GLU B 46 15.40 -13.45 6.59
CA GLU B 46 16.62 -13.14 5.85
C GLU B 46 16.27 -12.62 4.47
N TRP B 47 16.82 -11.45 4.13
CA TRP B 47 16.67 -10.90 2.79
C TRP B 47 17.41 -11.78 1.78
N VAL B 48 16.80 -11.99 0.62
CA VAL B 48 17.37 -12.81 -0.43
C VAL B 48 17.76 -11.97 -1.65
N SER B 49 16.84 -11.17 -2.16
CA SER B 49 17.10 -10.48 -3.41
C SER B 49 16.05 -9.40 -3.63
N THR B 50 16.46 -8.36 -4.36
CA THR B 50 15.58 -7.26 -4.72
C THR B 50 15.80 -6.92 -6.19
N ILE B 51 14.73 -6.51 -6.87
CA ILE B 51 14.78 -6.12 -8.28
C ILE B 51 14.08 -4.79 -8.46
N SER B 52 14.67 -3.92 -9.30
CA SER B 52 14.17 -2.57 -9.52
C SER B 52 12.90 -2.60 -10.38
N PRO B 53 12.15 -1.48 -10.43
CA PRO B 53 10.86 -1.47 -11.15
C PRO B 53 10.84 -2.07 -12.56
N ILE B 54 11.81 -1.76 -13.43
CA ILE B 54 11.84 -2.39 -14.74
C ILE B 54 12.77 -3.58 -14.75
N GLY B 55 13.41 -3.88 -13.63
CA GLY B 55 14.41 -4.91 -13.60
C GLY B 55 15.76 -4.47 -14.11
N THR B 56 15.99 -3.17 -14.20
CA THR B 56 17.30 -2.68 -14.63
C THR B 56 18.39 -3.11 -13.67
N TYR B 57 18.09 -3.14 -12.37
CA TYR B 57 19.06 -3.46 -11.34
C TYR B 57 18.56 -4.63 -10.51
N THR B 58 19.50 -5.51 -10.14
CA THR B 58 19.22 -6.63 -9.25
C THR B 58 20.23 -6.65 -8.11
N TYR B 59 19.76 -7.02 -6.92
CA TYR B 59 20.59 -7.08 -5.73
C TYR B 59 20.37 -8.43 -5.06
N TYR B 60 21.46 -9.00 -4.52
CA TYR B 60 21.41 -10.35 -3.95
C TYR B 60 22.16 -10.38 -2.63
N ALA B 61 21.65 -11.18 -1.70
CA ALA B 61 22.42 -11.53 -0.52
C ALA B 61 23.66 -12.31 -0.94
N ASP B 62 24.71 -12.20 -0.11
CA ASP B 62 25.99 -12.84 -0.44
C ASP B 62 25.84 -14.35 -0.56
N SER B 63 25.04 -14.96 0.32
CA SER B 63 24.91 -16.41 0.32
C SER B 63 24.31 -16.96 -0.97
N VAL B 64 23.56 -16.15 -1.72
CA VAL B 64 22.80 -16.65 -2.86
C VAL B 64 23.19 -16.03 -4.19
N LYS B 65 23.96 -14.95 -4.22
CA LYS B 65 24.32 -14.33 -5.49
C LYS B 65 25.02 -15.34 -6.39
N GLY B 66 24.67 -15.32 -7.68
CA GLY B 66 25.19 -16.26 -8.64
C GLY B 66 24.51 -17.61 -8.64
N ARG B 67 23.88 -18.00 -7.54
CA ARG B 67 23.09 -19.22 -7.49
C ARG B 67 21.61 -18.95 -7.75
N PHE B 68 21.12 -17.80 -7.30
CA PHE B 68 19.73 -17.40 -7.49
C PHE B 68 19.70 -16.28 -8.53
N THR B 69 18.59 -16.22 -9.27
CA THR B 69 18.39 -15.15 -10.25
C THR B 69 16.97 -14.65 -10.13
N ILE B 70 16.82 -13.37 -9.81
CA ILE B 70 15.52 -12.73 -9.71
C ILE B 70 15.21 -12.08 -11.05
N SER B 71 13.93 -12.09 -11.41
CA SER B 71 13.46 -11.44 -12.64
C SER B 71 11.99 -11.12 -12.48
N ARG B 72 11.45 -10.38 -13.45
CA ARG B 72 10.06 -9.99 -13.38
C ARG B 72 9.51 -9.83 -14.80
N ASP B 73 8.20 -10.03 -14.92
CA ASP B 73 7.46 -9.88 -16.17
C ASP B 73 6.35 -8.86 -15.89
N ASN B 74 6.64 -7.58 -16.17
CA ASN B 74 5.67 -6.52 -15.90
C ASN B 74 4.39 -6.71 -16.72
N SER B 75 4.49 -7.27 -17.92
CA SER B 75 3.31 -7.51 -18.73
C SER B 75 2.39 -8.54 -18.07
N LYS B 76 2.94 -9.43 -17.25
CA LYS B 76 2.19 -10.45 -16.55
C LYS B 76 2.05 -10.17 -15.06
N ASN B 77 2.63 -9.08 -14.57
CA ASN B 77 2.58 -8.71 -13.15
C ASN B 77 3.11 -9.84 -12.27
N THR B 78 4.20 -10.47 -12.70
CA THR B 78 4.74 -11.63 -12.03
C THR B 78 6.22 -11.43 -11.71
N LEU B 79 6.62 -11.90 -10.53
CA LEU B 79 8.00 -11.88 -10.09
C LEU B 79 8.48 -13.32 -9.93
N TYR B 80 9.72 -13.59 -10.34
CA TYR B 80 10.28 -14.93 -10.33
C TYR B 80 11.56 -14.98 -9.52
N LEU B 81 11.87 -16.16 -9.00
CA LEU B 81 13.16 -16.44 -8.38
C LEU B 81 13.61 -17.81 -8.87
N GLN B 82 14.67 -17.82 -9.68
CA GLN B 82 15.25 -19.06 -10.18
C GLN B 82 16.33 -19.49 -9.21
N MET B 83 16.12 -20.62 -8.56
CA MET B 83 17.03 -21.14 -7.54
C MET B 83 17.76 -22.35 -8.11
N ASN B 84 19.08 -22.27 -8.17
CA ASN B 84 19.91 -23.36 -8.65
C ASN B 84 20.88 -23.79 -7.56
N SER B 85 21.45 -24.98 -7.75
CA SER B 85 22.39 -25.59 -6.80
C SER B 85 21.92 -25.39 -5.35
N LEU B 86 20.68 -25.79 -5.09
CA LEU B 86 20.09 -25.64 -3.77
C LEU B 86 20.90 -26.37 -2.72
N ARG B 87 21.00 -25.78 -1.54
CA ARG B 87 21.67 -26.41 -0.41
C ARG B 87 20.68 -26.60 0.73
N ALA B 88 21.09 -27.41 1.70
CA ALA B 88 20.27 -27.63 2.89
C ALA B 88 19.94 -26.32 3.59
N GLU B 89 20.91 -25.40 3.65
CA GLU B 89 20.69 -24.11 4.28
C GLU B 89 19.62 -23.26 3.58
N ASP B 90 19.20 -23.66 2.38
CA ASP B 90 18.16 -22.92 1.68
C ASP B 90 16.75 -23.34 2.09
N THR B 91 16.62 -24.32 2.99
CA THR B 91 15.30 -24.71 3.48
C THR B 91 14.70 -23.56 4.29
N ALA B 92 13.50 -23.13 3.90
CA ALA B 92 12.86 -21.96 4.48
C ALA B 92 11.52 -21.74 3.80
N VAL B 93 10.67 -20.96 4.47
CA VAL B 93 9.51 -20.37 3.81
C VAL B 93 9.98 -19.14 3.05
N TYR B 94 9.60 -19.04 1.77
CA TYR B 94 10.02 -17.94 0.92
C TYR B 94 8.85 -17.00 0.66
N TYR B 95 9.05 -15.72 0.93
CA TYR B 95 8.01 -14.70 0.77
C TYR B 95 8.46 -13.69 -0.28
N CYS B 96 7.56 -13.34 -1.20
CA CYS B 96 7.76 -12.18 -2.06
C CYS B 96 7.23 -10.93 -1.37
N ALA B 97 7.89 -9.81 -1.61
CA ALA B 97 7.57 -8.56 -0.93
C ALA B 97 7.53 -7.41 -1.92
N LYS B 98 6.55 -6.53 -1.74
CA LYS B 98 6.37 -5.37 -2.59
C LYS B 98 7.08 -4.16 -1.99
N GLY B 99 7.94 -3.53 -2.78
CA GLY B 99 8.63 -2.34 -2.30
C GLY B 99 7.64 -1.25 -1.93
N SER B 100 8.11 -0.30 -1.11
CA SER B 100 7.21 0.71 -0.62
C SER B 100 7.87 2.07 -0.58
N TYR B 101 7.05 3.10 -0.80
CA TYR B 101 7.47 4.49 -0.72
C TYR B 101 6.98 5.14 0.55
N SER B 102 6.30 4.38 1.42
CA SER B 102 5.86 4.93 2.70
C SER B 102 7.04 5.01 3.66
N ARG B 103 7.02 6.04 4.49
CA ARG B 103 8.11 6.25 5.44
C ARG B 103 8.13 5.17 6.50
N GLY B 104 9.33 4.71 6.83
CA GLY B 104 9.55 3.73 7.89
C GLY B 104 9.60 2.28 7.51
N THR B 105 9.40 1.92 6.24
CA THR B 105 9.49 0.52 5.84
C THR B 105 10.04 0.39 4.43
N PRO B 106 10.91 -0.59 4.16
CA PRO B 106 11.31 -0.85 2.77
C PRO B 106 10.26 -1.62 1.97
N PHE B 107 9.40 -2.38 2.66
CA PHE B 107 8.28 -3.06 2.02
C PHE B 107 7.03 -2.87 2.87
N ASP B 108 5.88 -2.84 2.21
CA ASP B 108 4.61 -2.72 2.90
C ASP B 108 3.70 -3.92 2.75
N TYR B 109 4.03 -4.89 1.90
CA TYR B 109 3.24 -6.10 1.77
C TYR B 109 4.14 -7.32 1.58
N TRP B 110 3.75 -8.43 2.19
CA TRP B 110 4.38 -9.73 1.97
C TRP B 110 3.30 -10.77 1.70
N GLY B 111 3.65 -11.80 0.93
CA GLY B 111 2.71 -12.82 0.56
C GLY B 111 2.51 -13.83 1.68
N GLN B 112 1.77 -14.91 1.34
CA GLN B 112 1.49 -15.96 2.31
C GLN B 112 2.71 -16.85 2.53
N GLY B 113 3.58 -16.96 1.55
CA GLY B 113 4.79 -17.75 1.70
C GLY B 113 4.68 -19.11 1.03
N THR B 114 5.83 -19.63 0.58
CA THR B 114 5.92 -20.94 -0.02
C THR B 114 7.01 -21.74 0.68
N LEU B 115 6.67 -22.96 1.09
CA LEU B 115 7.60 -23.79 1.83
C LEU B 115 8.56 -24.49 0.87
N VAL B 116 9.85 -24.44 1.18
CA VAL B 116 10.88 -25.11 0.39
C VAL B 116 11.70 -25.99 1.31
N THR B 117 11.78 -27.27 0.99
CA THR B 117 12.61 -28.22 1.71
C THR B 117 13.68 -28.74 0.77
N VAL B 118 14.93 -28.73 1.22
CA VAL B 118 16.05 -29.24 0.45
C VAL B 118 16.61 -30.44 1.22
N SER B 119 16.39 -31.63 0.68
CA SER B 119 16.83 -32.87 1.33
C SER B 119 18.31 -32.89 1.64
N GLU C 1 15.93 -17.03 23.42
CA GLU C 1 15.85 -16.16 22.26
C GLU C 1 14.52 -15.42 22.18
N VAL C 2 14.32 -14.75 21.04
CA VAL C 2 13.16 -13.86 20.87
C VAL C 2 11.86 -14.59 21.14
N GLN C 3 11.00 -13.98 21.95
CA GLN C 3 9.62 -14.40 22.13
C GLN C 3 8.72 -13.18 22.10
N LEU C 4 7.58 -13.29 21.45
CA LEU C 4 6.63 -12.20 21.31
C LEU C 4 5.22 -12.73 21.50
N LEU C 5 4.48 -12.16 22.44
CA LEU C 5 3.14 -12.61 22.77
C LEU C 5 2.16 -11.45 22.65
N GLU C 6 1.22 -11.56 21.71
CA GLU C 6 0.17 -10.56 21.52
C GLU C 6 -1.05 -10.88 22.37
N SER C 7 -1.82 -9.85 22.68
CA SER C 7 -3.06 -10.01 23.41
C SER C 7 -3.97 -8.82 23.10
N GLY C 8 -5.25 -8.97 23.42
CA GLY C 8 -6.22 -7.91 23.25
C GLY C 8 -7.16 -8.07 22.07
N GLY C 9 -6.94 -9.08 21.22
CA GLY C 9 -7.82 -9.29 20.10
C GLY C 9 -9.22 -9.72 20.51
N GLY C 10 -10.18 -9.45 19.63
CA GLY C 10 -11.55 -9.85 19.90
C GLY C 10 -12.46 -9.39 18.78
N LEU C 11 -13.76 -9.42 19.08
CA LEU C 11 -14.79 -8.96 18.16
C LEU C 11 -15.14 -7.52 18.49
N VAL C 12 -15.25 -6.69 17.47
CA VAL C 12 -15.45 -5.26 17.64
C VAL C 12 -16.56 -4.81 16.70
N GLN C 13 -17.42 -3.91 17.18
CA GLN C 13 -18.45 -3.34 16.33
C GLN C 13 -17.85 -2.26 15.43
N PRO C 14 -18.47 -2.01 14.27
CA PRO C 14 -17.96 -0.95 13.39
C PRO C 14 -17.87 0.39 14.11
N GLY C 15 -16.76 1.09 13.87
CA GLY C 15 -16.51 2.35 14.54
C GLY C 15 -15.99 2.24 15.95
N GLY C 16 -15.81 1.02 16.46
CA GLY C 16 -15.35 0.84 17.83
C GLY C 16 -13.85 1.01 17.98
N SER C 17 -13.42 0.87 19.23
CA SER C 17 -12.02 1.02 19.60
C SER C 17 -11.49 -0.28 20.20
N LEU C 18 -10.18 -0.49 20.05
CA LEU C 18 -9.53 -1.66 20.63
C LEU C 18 -8.05 -1.33 20.83
N ARG C 19 -7.48 -1.87 21.90
CA ARG C 19 -6.08 -1.64 22.26
C ARG C 19 -5.39 -2.99 22.37
N LEU C 20 -4.45 -3.25 21.47
CA LEU C 20 -3.63 -4.45 21.53
C LEU C 20 -2.35 -4.19 22.31
N SER C 21 -1.82 -5.25 22.93
CA SER C 21 -0.54 -5.20 23.62
C SER C 21 0.31 -6.38 23.18
N CYS C 22 1.62 -6.23 23.33
CA CYS C 22 2.58 -7.27 22.97
C CYS C 22 3.68 -7.35 24.02
N ALA C 23 3.75 -8.47 24.72
CA ALA C 23 4.81 -8.70 25.70
C ALA C 23 5.99 -9.37 25.02
N ALA C 24 7.17 -8.76 25.11
CA ALA C 24 8.37 -9.24 24.44
C ALA C 24 9.42 -9.68 25.45
N SER C 25 10.27 -10.62 25.03
CA SER C 25 11.38 -11.09 25.84
C SER C 25 12.40 -11.76 24.94
N GLY C 26 13.61 -11.95 25.47
CA GLY C 26 14.67 -12.62 24.75
C GLY C 26 15.61 -11.72 23.98
N PHE C 27 15.42 -10.40 24.01
CA PHE C 27 16.32 -9.49 23.34
C PHE C 27 16.29 -8.15 24.05
N THR C 28 17.28 -7.31 23.76
CA THR C 28 17.37 -5.96 24.32
C THR C 28 16.28 -5.11 23.70
N PHE C 29 15.17 -4.96 24.42
CA PHE C 29 13.98 -4.30 23.88
C PHE C 29 14.29 -2.88 23.38
N ARG C 30 15.03 -2.11 24.18
CA ARG C 30 15.28 -0.71 23.84
C ARG C 30 16.21 -0.53 22.65
N GLY C 31 16.85 -1.59 22.17
CA GLY C 31 17.78 -1.42 21.08
C GLY C 31 17.21 -1.60 19.70
N TYR C 32 15.91 -1.83 19.58
CA TYR C 32 15.31 -2.13 18.28
C TYR C 32 14.01 -1.38 18.11
N SER C 33 13.71 -1.03 16.86
CA SER C 33 12.36 -0.64 16.48
C SER C 33 11.41 -1.82 16.72
N MET C 34 10.13 -1.50 16.85
CA MET C 34 9.09 -2.50 16.93
C MET C 34 7.98 -2.15 15.94
N ALA C 35 7.28 -3.17 15.47
CA ALA C 35 6.32 -2.96 14.39
C ALA C 35 5.10 -3.83 14.61
N TRP C 36 4.00 -3.43 13.95
CA TRP C 36 2.79 -4.23 13.85
C TRP C 36 2.54 -4.53 12.38
N VAL C 37 2.19 -5.79 12.09
CA VAL C 37 1.74 -6.21 10.77
C VAL C 37 0.46 -7.02 10.96
N ARG C 38 -0.25 -7.22 9.86
CA ARG C 38 -1.55 -7.88 9.96
C ARG C 38 -1.80 -8.74 8.74
N GLN C 39 -2.62 -9.77 8.93
CA GLN C 39 -2.98 -10.72 7.87
C GLN C 39 -4.50 -10.68 7.71
N ALA C 40 -4.96 -9.97 6.67
CA ALA C 40 -6.37 -9.98 6.33
C ALA C 40 -6.74 -11.35 5.77
N PRO C 41 -8.04 -11.67 5.75
CA PRO C 41 -8.44 -12.99 5.22
C PRO C 41 -7.95 -13.17 3.79
N GLY C 42 -7.26 -14.29 3.57
CA GLY C 42 -6.77 -14.66 2.25
C GLY C 42 -5.53 -13.95 1.77
N LYS C 43 -4.94 -13.06 2.56
CA LYS C 43 -3.72 -12.34 2.18
C LYS C 43 -2.54 -12.83 3.03
N GLY C 44 -1.41 -12.16 2.87
CA GLY C 44 -0.21 -12.54 3.57
C GLY C 44 0.05 -11.68 4.79
N LEU C 45 0.86 -10.65 4.62
CA LEU C 45 1.16 -9.70 5.69
C LEU C 45 1.16 -8.30 5.12
N GLU C 46 0.55 -7.38 5.86
CA GLU C 46 0.52 -5.97 5.49
C GLU C 46 1.11 -5.17 6.63
N TRP C 47 2.09 -4.32 6.31
CA TRP C 47 2.68 -3.47 7.33
C TRP C 47 1.64 -2.48 7.85
N VAL C 48 1.62 -2.29 9.16
CA VAL C 48 0.66 -1.41 9.82
C VAL C 48 1.35 -0.18 10.40
N SER C 49 2.39 -0.38 11.20
CA SER C 49 3.00 0.72 11.94
C SER C 49 4.34 0.28 12.50
N THR C 50 5.24 1.26 12.66
CA THR C 50 6.56 1.03 13.23
C THR C 50 6.86 2.16 14.21
N ILE C 51 7.57 1.83 15.29
CA ILE C 51 7.98 2.80 16.30
C ILE C 51 9.47 2.64 16.56
N SER C 52 10.17 3.76 16.68
CA SER C 52 11.62 3.79 16.85
C SER C 52 11.99 3.30 18.25
N PRO C 53 13.27 2.97 18.49
CA PRO C 53 13.65 2.36 19.78
C PRO C 53 13.12 3.05 21.04
N ILE C 54 13.24 4.38 21.15
CA ILE C 54 12.68 5.08 22.30
C ILE C 54 11.35 5.73 21.96
N GLY C 55 10.82 5.50 20.76
CA GLY C 55 9.60 6.15 20.34
C GLY C 55 9.74 7.55 19.78
N THR C 56 10.93 7.94 19.36
CA THR C 56 11.10 9.26 18.76
C THR C 56 10.26 9.41 17.50
N TYR C 57 10.19 8.35 16.69
CA TYR C 57 9.46 8.37 15.44
C TYR C 57 8.40 7.28 15.42
N THR C 58 7.25 7.60 14.85
CA THR C 58 6.20 6.63 14.62
C THR C 58 5.78 6.73 13.15
N TYR C 59 5.54 5.57 12.54
CA TYR C 59 5.18 5.49 11.13
C TYR C 59 3.94 4.62 11.00
N TYR C 60 3.06 4.99 10.06
CA TYR C 60 1.81 4.29 9.87
C TYR C 60 1.56 4.08 8.39
N ALA C 61 0.98 2.93 8.05
CA ALA C 61 0.44 2.75 6.70
C ALA C 61 -0.64 3.80 6.45
N ASP C 62 -0.82 4.15 5.17
CA ASP C 62 -1.77 5.20 4.81
C ASP C 62 -3.18 4.84 5.26
N SER C 63 -3.57 3.57 5.12
CA SER C 63 -4.92 3.12 5.47
C SER C 63 -5.25 3.36 6.93
N VAL C 64 -4.26 3.49 7.81
CA VAL C 64 -4.49 3.55 9.25
C VAL C 64 -4.08 4.89 9.85
N LYS C 65 -3.44 5.77 9.10
CA LYS C 65 -3.02 7.06 9.64
C LYS C 65 -4.20 7.82 10.23
N GLY C 66 -3.97 8.43 11.40
CA GLY C 66 -5.00 9.15 12.11
C GLY C 66 -5.96 8.30 12.91
N ARG C 67 -6.10 7.01 12.58
CA ARG C 67 -6.94 6.10 13.34
C ARG C 67 -6.17 5.26 14.35
N PHE C 68 -4.94 4.88 14.05
CA PHE C 68 -4.15 4.02 14.93
C PHE C 68 -3.05 4.83 15.60
N THR C 69 -2.66 4.38 16.80
CA THR C 69 -1.57 4.99 17.55
C THR C 69 -0.70 3.89 18.11
N ILE C 70 0.57 3.87 17.71
CA ILE C 70 1.54 2.92 18.23
C ILE C 70 2.30 3.56 19.38
N SER C 71 2.66 2.76 20.38
CA SER C 71 3.44 3.24 21.50
C SER C 71 4.15 2.05 22.12
N ARG C 72 5.04 2.34 23.07
CA ARG C 72 5.80 1.29 23.73
C ARG C 72 6.16 1.73 25.14
N ASP C 73 6.34 0.74 26.02
CA ASP C 73 6.77 0.95 27.39
C ASP C 73 8.06 0.15 27.55
N ASN C 74 9.19 0.82 27.33
CA ASN C 74 10.48 0.14 27.38
C ASN C 74 10.76 -0.44 28.76
N SER C 75 10.25 0.21 29.81
CA SER C 75 10.44 -0.32 31.16
C SER C 75 9.72 -1.65 31.36
N LYS C 76 8.66 -1.90 30.60
CA LYS C 76 7.91 -3.15 30.69
C LYS C 76 8.14 -4.07 29.50
N ASN C 77 8.95 -3.67 28.53
CA ASN C 77 9.22 -4.47 27.33
C ASN C 77 7.92 -4.84 26.61
N THR C 78 7.01 -3.88 26.51
CA THR C 78 5.68 -4.10 25.95
C THR C 78 5.42 -3.11 24.84
N LEU C 79 4.76 -3.57 23.79
CA LEU C 79 4.38 -2.75 22.65
C LEU C 79 2.85 -2.68 22.57
N TYR C 80 2.33 -1.51 22.24
CA TYR C 80 0.90 -1.27 22.20
C TYR C 80 0.46 -0.78 20.83
N LEU C 81 -0.80 -1.05 20.51
CA LEU C 81 -1.44 -0.50 19.31
C LEU C 81 -2.86 -0.08 19.68
N GLN C 82 -3.12 1.23 19.68
CA GLN C 82 -4.44 1.77 19.94
C GLN C 82 -5.17 1.94 18.61
N MET C 83 -6.25 1.19 18.42
CA MET C 83 -7.01 1.21 17.17
C MET C 83 -8.37 1.87 17.40
N ASN C 84 -8.64 2.94 16.67
CA ASN C 84 -9.90 3.66 16.73
C ASN C 84 -10.56 3.66 15.36
N SER C 85 -11.85 4.02 15.37
CA SER C 85 -12.71 4.04 14.17
C SER C 85 -12.49 2.80 13.30
N LEU C 86 -12.55 1.64 13.95
CA LEU C 86 -12.33 0.37 13.25
C LEU C 86 -13.38 0.16 12.17
N ARG C 87 -12.94 -0.39 11.04
CA ARG C 87 -13.81 -0.75 9.94
C ARG C 87 -13.67 -2.24 9.64
N ALA C 88 -14.61 -2.76 8.84
CA ALA C 88 -14.56 -4.15 8.42
C ALA C 88 -13.23 -4.50 7.76
N GLU C 89 -12.70 -3.59 6.94
CA GLU C 89 -11.42 -3.83 6.27
C GLU C 89 -10.26 -3.96 7.25
N ASP C 90 -10.43 -3.60 8.52
CA ASP C 90 -9.39 -3.78 9.52
C ASP C 90 -9.40 -5.17 10.12
N THR C 91 -10.34 -6.04 9.72
CA THR C 91 -10.36 -7.41 10.20
C THR C 91 -9.12 -8.16 9.72
N ALA C 92 -8.38 -8.75 10.66
CA ALA C 92 -7.11 -9.38 10.37
C ALA C 92 -6.52 -9.94 11.66
N VAL C 93 -5.58 -10.85 11.49
CA VAL C 93 -4.69 -11.23 12.59
C VAL C 93 -3.62 -10.15 12.71
N TYR C 94 -3.40 -9.65 13.92
CA TYR C 94 -2.41 -8.61 14.14
C TYR C 94 -1.21 -9.22 14.84
N TYR C 95 -0.02 -9.00 14.28
CA TYR C 95 1.20 -9.60 14.76
C TYR C 95 2.15 -8.53 15.31
N CYS C 96 2.72 -8.83 16.47
CA CYS C 96 3.83 -8.04 17.00
C CYS C 96 5.12 -8.52 16.36
N ALA C 97 6.02 -7.58 16.04
CA ALA C 97 7.24 -7.90 15.31
C ALA C 97 8.42 -7.13 15.89
N LYS C 98 9.57 -7.81 15.94
CA LYS C 98 10.80 -7.21 16.46
C LYS C 98 11.56 -6.57 15.31
N GLY C 99 11.82 -5.27 15.41
CA GLY C 99 12.55 -4.56 14.37
C GLY C 99 13.98 -5.04 14.19
N SER C 100 14.52 -4.73 13.01
CA SER C 100 15.89 -5.07 12.65
C SER C 100 16.42 -3.96 11.74
N TYR C 101 17.74 -3.77 11.76
CA TYR C 101 18.38 -2.77 10.91
C TYR C 101 19.03 -3.37 9.67
N SER C 102 18.95 -4.69 9.48
CA SER C 102 19.55 -5.33 8.33
C SER C 102 18.74 -5.06 7.07
N ARG C 103 19.45 -5.04 5.94
CA ARG C 103 18.84 -4.68 4.66
C ARG C 103 17.80 -5.71 4.26
N GLY C 104 16.64 -5.23 3.83
CA GLY C 104 15.61 -6.13 3.36
C GLY C 104 14.75 -6.70 4.47
N THR C 105 15.05 -6.38 5.72
CA THR C 105 14.33 -6.93 6.87
C THR C 105 14.12 -5.82 7.90
N PRO C 106 12.98 -5.14 7.84
CA PRO C 106 12.65 -4.20 8.92
C PRO C 106 12.26 -4.91 10.20
N PHE C 107 11.82 -6.17 10.10
CA PHE C 107 11.64 -7.04 11.25
C PHE C 107 12.15 -8.42 10.87
N ASP C 108 12.69 -9.14 11.86
CA ASP C 108 13.18 -10.49 11.64
C ASP C 108 12.41 -11.55 12.39
N TYR C 109 11.54 -11.17 13.31
CA TYR C 109 10.66 -12.09 14.04
C TYR C 109 9.32 -11.41 14.24
N TRP C 110 8.25 -12.19 14.12
CA TRP C 110 6.94 -11.72 14.52
C TRP C 110 6.24 -12.79 15.36
N GLY C 111 5.32 -12.34 16.22
CA GLY C 111 4.68 -13.20 17.19
C GLY C 111 3.63 -14.12 16.60
N GLN C 112 2.87 -14.74 17.50
CA GLN C 112 1.85 -15.70 17.09
C GLN C 112 0.62 -15.02 16.50
N GLY C 113 0.30 -13.81 16.93
CA GLY C 113 -0.80 -13.07 16.36
C GLY C 113 -2.06 -13.16 17.21
N THR C 114 -2.84 -12.07 17.18
CA THR C 114 -4.12 -12.02 17.86
C THR C 114 -5.18 -11.56 16.85
N LEU C 115 -6.28 -12.30 16.79
CA LEU C 115 -7.32 -12.06 15.79
C LEU C 115 -8.23 -10.91 16.21
N VAL C 116 -8.48 -10.00 15.27
CA VAL C 116 -9.42 -8.90 15.46
C VAL C 116 -10.41 -8.95 14.30
N THR C 117 -11.69 -9.08 14.61
CA THR C 117 -12.76 -9.06 13.63
C THR C 117 -13.69 -7.90 13.91
N VAL C 118 -14.09 -7.21 12.84
CA VAL C 118 -15.01 -6.08 12.95
C VAL C 118 -16.32 -6.50 12.31
N SER C 119 -17.35 -6.68 13.14
CA SER C 119 -18.66 -7.15 12.70
C SER C 119 -19.24 -6.25 11.61
N SER C 120 -20.33 -6.74 11.01
CA SER C 120 -21.03 -6.04 9.93
C SER C 120 -20.09 -5.69 8.79
ZN ZN D . 44.52 -6.55 13.01
ZN ZN E . 42.92 5.06 9.75
ZN ZN F . 19.47 1.94 -2.49
ZN ZN G . 9.01 14.17 -2.39
ZN ZN H . -19.92 -4.22 2.33
ZN ZN I . -29.62 3.33 -8.42
ZN ZN J . -39.88 -1.60 -3.43
ZN ZN K . -16.59 -0.96 -21.75
S SO4 L . -32.62 8.81 -2.68
O1 SO4 L . -33.16 8.50 -1.36
O2 SO4 L . -31.34 8.13 -2.84
O3 SO4 L . -33.55 8.37 -3.70
O4 SO4 L . -32.40 10.25 -2.79
S SO4 M . -29.46 -4.36 -13.59
O1 SO4 M . -28.45 -3.47 -14.16
O2 SO4 M . -28.81 -5.56 -13.09
O3 SO4 M . -30.43 -4.72 -14.63
O4 SO4 M . -30.15 -3.68 -12.50
S SO4 N . -42.82 2.68 -11.00
O1 SO4 N . -42.89 1.25 -11.25
O2 SO4 N . -41.70 2.97 -10.10
O3 SO4 N . -42.63 3.38 -12.26
O4 SO4 N . -44.07 3.12 -10.38
CL CL O . 11.99 5.22 5.41
CL CL P . -25.50 7.35 -10.89
S SO4 Q . 14.62 1.06 -12.72
O1 SO4 Q . 15.32 1.35 -11.47
O2 SO4 Q . 15.41 1.56 -13.85
O3 SO4 Q . 13.32 1.73 -12.71
O4 SO4 Q . 14.44 -0.37 -12.86
S SO4 R . -0.84 2.07 -7.55
O1 SO4 R . 0.02 3.07 -8.17
O2 SO4 R . -0.11 0.82 -7.41
O3 SO4 R . -2.03 1.86 -8.38
O4 SO4 R . -1.26 2.53 -6.22
#